data_9AXB
#
_entry.id   9AXB
#
_cell.length_a   50.000
_cell.length_b   54.630
_cell.length_c   54.590
_cell.angle_alpha   78.54
_cell.angle_beta   78.83
_cell.angle_gamma   69.88
#
_symmetry.space_group_name_H-M   'P 1'
#
loop_
_entity.id
_entity.type
_entity.pdbx_description
1 polymer Gp54
2 water water
#
_entity_poly.entity_id   1
_entity_poly.type   'polypeptide(L)'
_entity_poly.pdbx_seq_one_letter_code
;MKHHHHHHGSSGMQDQIDAKVIRRNPELTPGIFKKGIEITIDLEEMVCYHSGLTWKVKQLTNTLWSLAGDEHTVMEVI
;
_entity_poly.pdbx_strand_id   A,B,C,D,E,F
#
# COMPACT_ATOMS: atom_id res chain seq x y z
N ASP A 15 11.88 -18.18 10.96
CA ASP A 15 10.65 -18.84 11.42
C ASP A 15 9.86 -17.94 12.37
N GLN A 16 10.48 -16.85 12.81
CA GLN A 16 9.82 -15.83 13.60
C GLN A 16 10.02 -14.49 12.93
N ILE A 17 8.97 -13.66 12.94
CA ILE A 17 9.01 -12.35 12.28
C ILE A 17 8.44 -11.32 13.25
N ASP A 18 8.97 -10.09 13.14
CA ASP A 18 8.49 -8.97 13.93
C ASP A 18 7.51 -8.16 13.10
N ALA A 19 6.35 -7.86 13.67
CA ALA A 19 5.28 -7.17 12.98
C ALA A 19 4.78 -6.01 13.82
N LYS A 20 4.20 -5.01 13.15
CA LYS A 20 3.71 -3.80 13.79
C LYS A 20 2.19 -3.75 13.67
N VAL A 21 1.52 -3.54 14.80
CA VAL A 21 0.06 -3.37 14.80
C VAL A 21 -0.27 -2.05 14.13
N ILE A 22 -1.02 -2.12 13.03
CA ILE A 22 -1.41 -0.92 12.29
C ILE A 22 -2.91 -0.65 12.36
N ARG A 23 -3.73 -1.67 12.61
CA ARG A 23 -5.15 -1.50 12.81
C ARG A 23 -5.58 -2.43 13.95
N ARG A 24 -6.56 -1.99 14.74
CA ARG A 24 -7.06 -2.79 15.84
C ARG A 24 -8.58 -2.66 15.91
N ASN A 25 -9.24 -3.78 16.16
CA ASN A 25 -10.69 -3.82 16.33
C ASN A 25 -11.08 -3.00 17.55
N PRO A 26 -11.93 -1.98 17.40
CA PRO A 26 -12.30 -1.16 18.57
C PRO A 26 -13.00 -1.95 19.66
N GLU A 27 -13.57 -3.13 19.35
CA GLU A 27 -14.19 -3.94 20.39
C GLU A 27 -13.15 -4.59 21.30
N LEU A 28 -11.89 -4.66 20.87
CA LEU A 28 -10.86 -5.26 21.71
C LEU A 28 -10.71 -4.47 23.01
N THR A 29 -10.31 -5.17 24.06
CA THR A 29 -10.12 -4.52 25.35
C THR A 29 -9.07 -3.42 25.23
N PRO A 30 -9.37 -2.21 25.69
CA PRO A 30 -8.35 -1.14 25.64
C PRO A 30 -7.05 -1.60 26.27
N GLY A 31 -5.96 -1.41 25.53
CA GLY A 31 -4.65 -1.83 25.96
C GLY A 31 -4.14 -3.06 25.26
N ILE A 32 -4.99 -3.79 24.54
CA ILE A 32 -4.59 -4.97 23.80
C ILE A 32 -4.35 -4.57 22.35
N PHE A 33 -3.28 -5.09 21.77
CA PHE A 33 -2.87 -4.79 20.40
C PHE A 33 -2.98 -3.30 20.12
N LYS A 34 -2.34 -2.51 20.98
CA LYS A 34 -2.21 -1.08 20.76
C LYS A 34 -1.59 -0.81 19.39
N LYS A 35 -2.12 0.18 18.69
CA LYS A 35 -1.52 0.57 17.42
C LYS A 35 -0.07 1.04 17.65
N GLY A 36 0.85 0.41 16.92
CA GLY A 36 2.24 0.85 16.91
C GLY A 36 3.22 -0.06 17.61
N ILE A 37 2.75 -1.07 18.36
CA ILE A 37 3.67 -1.94 19.08
C ILE A 37 4.19 -3.03 18.16
N GLU A 38 5.34 -3.58 18.53
CA GLU A 38 5.98 -4.64 17.75
C GLU A 38 5.57 -5.99 18.31
N ILE A 39 4.98 -6.83 17.46
CA ILE A 39 4.55 -8.17 17.82
C ILE A 39 5.40 -9.17 17.05
N THR A 40 5.75 -10.27 17.71
CA THR A 40 6.49 -11.36 17.07
C THR A 40 5.51 -12.46 16.67
N ILE A 41 5.58 -12.88 15.40
CA ILE A 41 4.69 -13.90 14.85
C ILE A 41 5.49 -15.17 14.61
N ASP A 42 5.02 -16.28 15.16
CA ASP A 42 5.61 -17.58 14.90
C ASP A 42 5.04 -18.12 13.59
N LEU A 43 5.89 -18.26 12.57
CA LEU A 43 5.40 -18.62 11.24
C LEU A 43 5.02 -20.09 11.13
N GLU A 44 5.71 -20.97 11.86
CA GLU A 44 5.40 -22.40 11.76
C GLU A 44 4.02 -22.70 12.32
N GLU A 45 3.76 -22.29 13.55
CA GLU A 45 2.47 -22.54 14.20
C GLU A 45 1.47 -21.42 13.96
N MET A 46 1.87 -20.31 13.35
CA MET A 46 0.97 -19.24 12.94
C MET A 46 0.22 -18.65 14.13
N VAL A 47 1.00 -18.20 15.12
CA VAL A 47 0.48 -17.52 16.29
C VAL A 47 1.38 -16.31 16.59
N CYS A 48 0.87 -15.42 17.42
CA CYS A 48 1.61 -14.27 17.90
C CYS A 48 1.44 -14.18 19.41
N TYR A 49 2.53 -13.81 20.10
CA TYR A 49 2.57 -13.81 21.54
C TYR A 49 2.35 -12.39 22.06
N HIS A 50 1.27 -12.19 22.81
CA HIS A 50 0.90 -10.86 23.26
C HIS A 50 -0.01 -10.98 24.48
N SER A 51 0.18 -10.07 25.43
CA SER A 51 -0.63 -10.03 26.65
C SER A 51 -0.67 -11.38 27.32
N GLY A 52 0.47 -12.07 27.33
CA GLY A 52 0.58 -13.38 27.93
C GLY A 52 -0.21 -14.47 27.26
N LEU A 53 -0.91 -14.18 26.17
CA LEU A 53 -1.71 -15.15 25.46
C LEU A 53 -1.08 -15.51 24.11
N THR A 54 -1.51 -16.64 23.57
CA THR A 54 -1.15 -17.05 22.22
C THR A 54 -2.38 -16.82 21.33
N TRP A 55 -2.26 -15.89 20.39
CA TRP A 55 -3.34 -15.54 19.48
C TRP A 55 -3.08 -16.17 18.11
N LYS A 56 -4.14 -16.70 17.50
CA LYS A 56 -4.03 -17.27 16.16
C LYS A 56 -4.05 -16.15 15.12
N VAL A 57 -3.09 -16.18 14.20
CA VAL A 57 -2.99 -15.18 13.14
C VAL A 57 -3.09 -15.88 11.80
N LYS A 58 -3.48 -15.12 10.78
CA LYS A 58 -3.52 -15.58 9.41
C LYS A 58 -2.86 -14.54 8.51
N GLN A 59 -2.28 -14.99 7.41
CA GLN A 59 -1.54 -14.14 6.50
C GLN A 59 -2.45 -13.63 5.40
N LEU A 60 -2.58 -12.31 5.31
CA LEU A 60 -3.36 -11.68 4.24
C LEU A 60 -2.52 -11.50 2.98
N THR A 61 -1.31 -10.96 3.14
CA THR A 61 -0.37 -10.78 2.05
C THR A 61 1.02 -11.10 2.59
N ASN A 62 2.04 -10.92 1.76
CA ASN A 62 3.39 -11.23 2.19
C ASN A 62 3.84 -10.34 3.34
N THR A 63 3.22 -9.17 3.52
CA THR A 63 3.61 -8.26 4.59
C THR A 63 2.49 -7.94 5.58
N LEU A 64 1.24 -8.25 5.27
CA LEU A 64 0.11 -7.92 6.12
C LEU A 64 -0.44 -9.19 6.77
N TRP A 65 -0.67 -9.13 8.07
CA TRP A 65 -1.22 -10.23 8.84
C TRP A 65 -2.38 -9.73 9.67
N SER A 66 -3.31 -10.63 9.99
CA SER A 66 -4.44 -10.30 10.84
C SER A 66 -4.66 -11.45 11.82
N LEU A 67 -5.33 -11.14 12.93
CA LEU A 67 -5.77 -12.19 13.84
C LEU A 67 -6.71 -13.13 13.10
N ALA A 68 -6.50 -14.43 13.31
CA ALA A 68 -7.17 -15.44 12.48
C ALA A 68 -8.69 -15.26 12.49
N GLY A 69 -9.25 -14.91 13.64
CA GLY A 69 -10.69 -14.73 13.75
C GLY A 69 -11.11 -13.28 13.63
N ASP A 70 -10.31 -12.38 14.20
CA ASP A 70 -10.60 -10.95 14.20
C ASP A 70 -9.79 -10.30 13.08
N GLU A 71 -10.38 -10.23 11.89
CA GLU A 71 -9.66 -9.72 10.74
C GLU A 71 -9.43 -8.22 10.80
N HIS A 72 -10.16 -7.51 11.67
CA HIS A 72 -10.06 -6.07 11.74
C HIS A 72 -8.86 -5.59 12.56
N THR A 73 -8.10 -6.52 13.14
CA THR A 73 -6.86 -6.20 13.85
C THR A 73 -5.71 -6.71 12.98
N VAL A 74 -4.97 -5.78 12.38
CA VAL A 74 -4.03 -6.11 11.32
C VAL A 74 -2.62 -5.71 11.75
N MET A 75 -1.66 -6.57 11.45
CA MET A 75 -0.25 -6.35 11.72
C MET A 75 0.51 -6.31 10.41
N GLU A 76 1.53 -5.46 10.34
CA GLU A 76 2.34 -5.27 9.16
C GLU A 76 3.77 -5.72 9.44
N VAL A 77 4.30 -6.55 8.54
CA VAL A 77 5.68 -7.00 8.67
C VAL A 77 6.60 -5.79 8.68
N ILE A 78 7.64 -5.85 9.53
CA ILE A 78 8.54 -4.73 9.68
C ILE A 78 9.80 -4.95 8.85
N MET B 13 -27.85 -2.81 0.31
CA MET B 13 -26.86 -3.43 -0.57
C MET B 13 -26.10 -2.35 -1.33
N GLN B 14 -24.79 -2.54 -1.48
CA GLN B 14 -23.92 -1.54 -2.09
C GLN B 14 -23.51 -1.97 -3.49
N ASP B 15 -23.37 -0.99 -4.38
CA ASP B 15 -22.92 -1.23 -5.75
C ASP B 15 -21.48 -0.79 -5.97
N GLN B 16 -21.02 0.23 -5.24
CA GLN B 16 -19.66 0.74 -5.35
C GLN B 16 -19.23 1.28 -4.00
N ILE B 17 -17.94 1.14 -3.69
CA ILE B 17 -17.39 1.59 -2.42
C ILE B 17 -16.13 2.40 -2.69
N ASP B 18 -15.91 3.41 -1.87
CA ASP B 18 -14.74 4.28 -1.98
C ASP B 18 -13.65 3.79 -1.04
N ALA B 19 -12.44 3.62 -1.57
CA ALA B 19 -11.31 3.15 -0.80
C ALA B 19 -10.11 4.06 -1.00
N LYS B 20 -9.23 4.08 -0.01
CA LYS B 20 -8.04 4.92 -0.01
C LYS B 20 -6.81 4.04 -0.12
N VAL B 21 -5.88 4.44 -0.99
CA VAL B 21 -4.62 3.71 -1.12
C VAL B 21 -3.77 3.99 0.10
N ILE B 22 -3.45 2.93 0.86
CA ILE B 22 -2.60 3.06 2.03
C ILE B 22 -1.23 2.45 1.81
N ARG B 23 -1.08 1.48 0.92
CA ARG B 23 0.21 0.94 0.55
C ARG B 23 0.25 0.77 -0.97
N ARG B 24 1.42 0.98 -1.56
CA ARG B 24 1.58 0.83 -2.99
C ARG B 24 2.88 0.11 -3.28
N ASN B 25 2.83 -0.82 -4.23
CA ASN B 25 4.01 -1.56 -4.63
C ASN B 25 5.06 -0.60 -5.18
N PRO B 26 6.29 -0.63 -4.68
CA PRO B 26 7.31 0.28 -5.22
C PRO B 26 7.58 0.06 -6.70
N GLU B 27 7.29 -1.12 -7.22
CA GLU B 27 7.54 -1.42 -8.64
C GLU B 27 6.51 -0.80 -9.56
N LEU B 28 5.36 -0.37 -9.04
CA LEU B 28 4.38 0.33 -9.87
C LEU B 28 4.98 1.61 -10.45
N THR B 29 4.51 1.99 -11.62
CA THR B 29 5.01 3.18 -12.29
C THR B 29 4.72 4.42 -11.43
N PRO B 30 5.71 5.30 -11.20
CA PRO B 30 5.44 6.52 -10.43
C PRO B 30 4.22 7.28 -10.91
N GLY B 31 3.27 7.51 -10.01
CA GLY B 31 2.04 8.20 -10.31
C GLY B 31 0.80 7.34 -10.20
N ILE B 32 0.95 6.02 -10.20
CA ILE B 32 -0.18 5.10 -10.14
C ILE B 32 -0.39 4.68 -8.69
N PHE B 33 -1.65 4.56 -8.30
CA PHE B 33 -2.04 4.21 -6.93
C PHE B 33 -1.15 4.93 -5.91
N LYS B 34 -1.05 6.25 -6.10
CA LYS B 34 -0.43 7.12 -5.13
C LYS B 34 -1.07 6.93 -3.76
N LYS B 35 -0.25 6.76 -2.73
CA LYS B 35 -0.78 6.64 -1.39
C LYS B 35 -1.64 7.86 -1.07
N GLY B 36 -2.88 7.63 -0.65
CA GLY B 36 -3.76 8.67 -0.17
C GLY B 36 -4.92 9.00 -1.07
N ILE B 37 -4.90 8.56 -2.34
CA ILE B 37 -5.96 8.90 -3.26
C ILE B 37 -7.21 8.06 -2.98
N GLU B 38 -8.36 8.58 -3.36
CA GLU B 38 -9.62 7.85 -3.26
C GLU B 38 -9.90 7.16 -4.59
N ILE B 39 -10.06 5.84 -4.55
CA ILE B 39 -10.38 5.04 -5.73
C ILE B 39 -11.66 4.25 -5.44
N THR B 40 -12.55 4.20 -6.43
CA THR B 40 -13.83 3.54 -6.26
C THR B 40 -13.74 2.09 -6.73
N ILE B 41 -14.36 1.20 -5.97
CA ILE B 41 -14.35 -0.23 -6.24
C ILE B 41 -15.77 -0.67 -6.61
N ASP B 42 -15.89 -1.38 -7.72
CA ASP B 42 -17.15 -2.01 -8.11
C ASP B 42 -17.16 -3.41 -7.53
N LEU B 43 -18.21 -3.74 -6.77
CA LEU B 43 -18.17 -4.95 -5.96
C LEU B 43 -18.53 -6.20 -6.76
N GLU B 44 -19.45 -6.08 -7.72
CA GLU B 44 -19.86 -7.25 -8.50
C GLU B 44 -18.76 -7.69 -9.45
N GLU B 45 -18.24 -6.76 -10.25
CA GLU B 45 -17.14 -7.09 -11.15
C GLU B 45 -15.80 -7.19 -10.42
N MET B 46 -15.71 -6.65 -9.20
CA MET B 46 -14.50 -6.74 -8.39
C MET B 46 -13.31 -6.07 -9.08
N VAL B 47 -13.53 -4.83 -9.53
CA VAL B 47 -12.49 -4.04 -10.18
C VAL B 47 -12.56 -2.61 -9.65
N CYS B 48 -11.50 -1.86 -9.91
CA CYS B 48 -11.46 -0.43 -9.65
C CYS B 48 -10.93 0.28 -10.89
N TYR B 49 -11.27 1.56 -11.01
CA TYR B 49 -10.95 2.35 -12.19
C TYR B 49 -9.92 3.40 -11.80
N HIS B 50 -8.72 3.29 -12.37
CA HIS B 50 -7.63 4.21 -12.06
C HIS B 50 -6.73 4.34 -13.28
N SER B 51 -6.22 5.55 -13.49
CA SER B 51 -5.32 5.83 -14.61
C SER B 51 -5.90 5.31 -15.92
N GLY B 52 -7.22 5.44 -16.06
CA GLY B 52 -7.92 5.00 -17.26
C GLY B 52 -8.04 3.51 -17.42
N LEU B 53 -7.40 2.72 -16.57
CA LEU B 53 -7.43 1.27 -16.67
C LEU B 53 -8.45 0.68 -15.70
N THR B 54 -8.82 -0.58 -15.97
CA THR B 54 -9.65 -1.38 -15.07
C THR B 54 -8.73 -2.41 -14.43
N TRP B 55 -8.53 -2.30 -13.12
CA TRP B 55 -7.69 -3.21 -12.37
C TRP B 55 -8.57 -4.19 -11.59
N LYS B 56 -8.20 -5.47 -11.61
CA LYS B 56 -8.88 -6.45 -10.80
C LYS B 56 -8.43 -6.32 -9.35
N VAL B 57 -9.38 -6.40 -8.42
CA VAL B 57 -9.08 -6.30 -6.99
C VAL B 57 -9.65 -7.52 -6.28
N LYS B 58 -9.04 -7.84 -5.13
CA LYS B 58 -9.53 -8.88 -4.24
C LYS B 58 -9.70 -8.31 -2.84
N GLN B 59 -10.60 -8.90 -2.07
CA GLN B 59 -10.90 -8.44 -0.72
C GLN B 59 -10.05 -9.22 0.27
N LEU B 60 -9.19 -8.51 1.00
CA LEU B 60 -8.42 -9.15 2.07
C LEU B 60 -9.27 -9.29 3.32
N THR B 61 -9.91 -8.20 3.74
CA THR B 61 -10.75 -8.17 4.92
C THR B 61 -11.96 -7.30 4.62
N ASN B 62 -12.82 -7.11 5.62
CA ASN B 62 -14.01 -6.30 5.42
C ASN B 62 -13.66 -4.89 4.98
N THR B 63 -12.48 -4.39 5.38
CA THR B 63 -12.09 -3.02 5.07
C THR B 63 -10.83 -2.91 4.23
N LEU B 64 -10.04 -3.97 4.11
CA LEU B 64 -8.79 -3.95 3.37
C LEU B 64 -8.96 -4.65 2.03
N TRP B 65 -8.53 -4.00 0.96
CA TRP B 65 -8.56 -4.54 -0.39
C TRP B 65 -7.17 -4.37 -1.01
N SER B 66 -6.86 -5.27 -1.95
CA SER B 66 -5.60 -5.21 -2.68
C SER B 66 -5.87 -5.45 -4.15
N LEU B 67 -4.90 -5.08 -4.98
CA LEU B 67 -4.96 -5.46 -6.39
C LEU B 67 -4.93 -6.98 -6.50
N ALA B 68 -5.73 -7.52 -7.42
CA ALA B 68 -5.95 -8.97 -7.44
C ALA B 68 -4.64 -9.73 -7.63
N GLY B 69 -3.72 -9.18 -8.42
CA GLY B 69 -2.44 -9.82 -8.64
C GLY B 69 -1.33 -9.25 -7.80
N ASP B 70 -1.33 -7.91 -7.67
CA ASP B 70 -0.31 -7.19 -6.90
C ASP B 70 -0.87 -6.97 -5.49
N GLU B 71 -0.60 -7.93 -4.60
CA GLU B 71 -1.12 -7.84 -3.25
C GLU B 71 -0.44 -6.77 -2.41
N HIS B 72 0.69 -6.24 -2.85
CA HIS B 72 1.42 -5.24 -2.08
C HIS B 72 0.82 -3.85 -2.21
N THR B 73 -0.14 -3.65 -3.09
CA THR B 73 -0.87 -2.39 -3.24
C THR B 73 -2.23 -2.58 -2.56
N VAL B 74 -2.42 -1.89 -1.43
CA VAL B 74 -3.57 -2.11 -0.56
C VAL B 74 -4.34 -0.82 -0.42
N MET B 75 -5.66 -0.92 -0.43
CA MET B 75 -6.54 0.23 -0.23
C MET B 75 -7.53 -0.12 0.88
N GLU B 76 -7.96 0.92 1.61
CA GLU B 76 -8.77 0.76 2.80
C GLU B 76 -10.13 1.40 2.59
N VAL B 77 -11.19 0.66 2.93
CA VAL B 77 -12.53 1.22 2.85
C VAL B 77 -12.61 2.46 3.72
N ILE B 78 -13.29 3.48 3.22
CA ILE B 78 -13.44 4.75 3.93
C ILE B 78 -14.79 4.77 4.65
N ASP C 15 2.88 -26.40 -14.76
CA ASP C 15 1.88 -25.50 -14.22
C ASP C 15 2.00 -24.09 -14.80
N GLN C 16 3.21 -23.74 -15.25
CA GLN C 16 3.47 -22.47 -15.91
C GLN C 16 3.48 -22.67 -17.42
N ILE C 17 2.77 -21.81 -18.14
CA ILE C 17 2.70 -21.90 -19.59
C ILE C 17 3.10 -20.56 -20.19
N ASP C 18 3.62 -20.60 -21.41
CA ASP C 18 4.11 -19.40 -22.10
C ASP C 18 3.03 -18.89 -23.05
N ALA C 19 2.79 -17.58 -23.01
CA ALA C 19 1.81 -16.94 -23.87
C ALA C 19 2.46 -15.74 -24.55
N LYS C 20 1.71 -15.10 -25.45
CA LYS C 20 2.22 -13.99 -26.25
C LYS C 20 1.17 -12.90 -26.29
N VAL C 21 1.57 -11.67 -26.00
CA VAL C 21 0.64 -10.55 -26.05
C VAL C 21 0.25 -10.31 -27.51
N ILE C 22 -1.05 -10.37 -27.80
CA ILE C 22 -1.57 -10.03 -29.11
C ILE C 22 -2.40 -8.76 -29.10
N ARG C 23 -2.97 -8.39 -27.95
CA ARG C 23 -3.68 -7.12 -27.79
C ARG C 23 -3.25 -6.50 -26.48
N ARG C 24 -3.18 -5.17 -26.46
CA ARG C 24 -2.82 -4.45 -25.25
C ARG C 24 -3.68 -3.20 -25.13
N ASN C 25 -4.13 -2.92 -23.91
CA ASN C 25 -4.92 -1.70 -23.66
C ASN C 25 -4.05 -0.47 -23.93
N PRO C 26 -4.51 0.48 -24.74
CA PRO C 26 -3.69 1.68 -24.98
C PRO C 26 -3.33 2.44 -23.72
N GLU C 27 -4.22 2.46 -22.72
CA GLU C 27 -3.91 3.16 -21.48
C GLU C 27 -2.58 2.73 -20.89
N LEU C 28 -2.19 1.47 -21.10
CA LEU C 28 -1.03 0.91 -20.44
C LEU C 28 0.18 1.82 -20.58
N THR C 29 0.99 1.88 -19.53
CA THR C 29 2.24 2.62 -19.58
C THR C 29 3.10 2.07 -20.71
N PRO C 30 3.63 2.93 -21.61
CA PRO C 30 4.45 2.42 -22.71
C PRO C 30 5.56 1.50 -22.22
N GLY C 31 5.58 0.28 -22.76
CA GLY C 31 6.57 -0.71 -22.40
C GLY C 31 6.04 -1.91 -21.67
N ILE C 32 4.80 -1.86 -21.19
CA ILE C 32 4.20 -2.96 -20.45
C ILE C 32 3.24 -3.71 -21.37
N PHE C 33 3.31 -5.04 -21.34
CA PHE C 33 2.52 -5.89 -22.23
C PHE C 33 2.56 -5.36 -23.64
N LYS C 34 3.75 -4.95 -24.09
CA LYS C 34 3.94 -4.55 -25.47
C LYS C 34 3.55 -5.69 -26.40
N LYS C 35 2.86 -5.33 -27.49
CA LYS C 35 2.37 -6.34 -28.42
C LYS C 35 3.52 -7.21 -28.92
N GLY C 36 3.38 -8.52 -28.75
CA GLY C 36 4.28 -9.48 -29.34
C GLY C 36 5.30 -10.10 -28.41
N ILE C 37 5.33 -9.69 -27.14
CA ILE C 37 6.31 -10.24 -26.21
C ILE C 37 5.75 -11.48 -25.54
N GLU C 38 6.64 -12.30 -24.99
CA GLU C 38 6.30 -13.58 -24.40
C GLU C 38 6.09 -13.42 -22.90
N ILE C 39 4.98 -13.97 -22.40
CA ILE C 39 4.65 -13.92 -20.98
C ILE C 39 4.52 -15.34 -20.46
N THR C 40 4.86 -15.51 -19.19
CA THR C 40 4.64 -16.78 -18.48
C THR C 40 3.39 -16.64 -17.62
N ILE C 41 2.50 -17.62 -17.72
CA ILE C 41 1.24 -17.63 -16.97
C ILE C 41 1.27 -18.80 -16.01
N ASP C 42 1.11 -18.51 -14.72
CA ASP C 42 0.98 -19.55 -13.70
C ASP C 42 -0.49 -19.93 -13.60
N LEU C 43 -0.79 -21.20 -13.87
CA LEU C 43 -2.17 -21.60 -14.10
C LEU C 43 -2.96 -21.79 -12.82
N GLU C 44 -2.32 -22.29 -11.76
CA GLU C 44 -3.04 -22.50 -10.50
C GLU C 44 -3.35 -21.16 -9.83
N GLU C 45 -2.34 -20.31 -9.66
CA GLU C 45 -2.57 -19.00 -9.07
C GLU C 45 -3.25 -18.05 -10.04
N MET C 46 -3.28 -18.38 -11.33
CA MET C 46 -3.97 -17.59 -12.34
C MET C 46 -3.40 -16.17 -12.42
N VAL C 47 -2.07 -16.09 -12.45
CA VAL C 47 -1.37 -14.81 -12.56
C VAL C 47 -0.27 -14.92 -13.61
N CYS C 48 0.21 -13.76 -14.04
CA CYS C 48 1.38 -13.68 -14.91
C CYS C 48 2.31 -12.61 -14.35
N TYR C 49 3.62 -12.88 -14.45
CA TYR C 49 4.64 -12.00 -13.92
CA TYR C 49 4.64 -11.99 -13.92
C TYR C 49 5.25 -11.17 -15.04
N HIS C 50 5.26 -9.85 -14.87
CA HIS C 50 5.75 -8.95 -15.90
C HIS C 50 5.99 -7.57 -15.29
N SER C 51 7.06 -6.92 -15.76
CA SER C 51 7.44 -5.60 -15.26
C SER C 51 7.57 -5.60 -13.74
N GLY C 52 8.13 -6.69 -13.21
CA GLY C 52 8.32 -6.83 -11.78
C GLY C 52 7.06 -6.95 -10.97
N LEU C 53 5.90 -7.03 -11.61
CA LEU C 53 4.62 -7.11 -10.93
C LEU C 53 3.96 -8.47 -11.17
N THR C 54 3.01 -8.80 -10.30
CA THR C 54 2.15 -9.96 -10.47
C THR C 54 0.79 -9.47 -10.93
N TRP C 55 0.37 -9.92 -12.12
CA TRP C 55 -0.90 -9.53 -12.70
C TRP C 55 -1.87 -10.70 -12.65
N LYS C 56 -3.13 -10.41 -12.31
CA LYS C 56 -4.17 -11.43 -12.36
C LYS C 56 -4.67 -11.58 -13.78
N VAL C 57 -4.86 -12.83 -14.21
CA VAL C 57 -5.33 -13.14 -15.55
C VAL C 57 -6.54 -14.07 -15.44
N LYS C 58 -7.44 -13.96 -16.42
CA LYS C 58 -8.57 -14.86 -16.56
C LYS C 58 -8.53 -15.50 -17.94
N GLN C 59 -9.09 -16.70 -18.04
CA GLN C 59 -9.04 -17.50 -19.25
C GLN C 59 -10.31 -17.29 -20.06
N LEU C 60 -10.14 -16.79 -21.30
CA LEU C 60 -11.26 -16.61 -22.20
C LEU C 60 -11.54 -17.91 -22.96
N THR C 61 -10.50 -18.52 -23.52
CA THR C 61 -10.61 -19.77 -24.25
C THR C 61 -9.45 -20.66 -23.86
N ASN C 62 -9.33 -21.81 -24.51
CA ASN C 62 -8.24 -22.73 -24.20
C ASN C 62 -6.88 -22.14 -24.55
N THR C 63 -6.83 -21.13 -25.44
CA THR C 63 -5.59 -20.51 -25.83
C THR C 63 -5.53 -19.00 -25.60
N LEU C 64 -6.67 -18.33 -25.44
CA LEU C 64 -6.70 -16.89 -25.26
C LEU C 64 -6.88 -16.55 -23.79
N TRP C 65 -6.03 -15.66 -23.29
CA TRP C 65 -6.11 -15.16 -21.92
C TRP C 65 -6.09 -13.63 -21.95
N SER C 66 -6.73 -13.02 -20.95
CA SER C 66 -6.71 -11.58 -20.79
C SER C 66 -6.42 -11.25 -19.33
N LEU C 67 -5.99 -10.01 -19.10
CA LEU C 67 -5.85 -9.54 -17.73
C LEU C 67 -7.23 -9.50 -17.07
N ALA C 68 -7.28 -9.89 -15.79
CA ALA C 68 -8.56 -10.20 -15.16
C ALA C 68 -9.52 -9.01 -15.17
N GLY C 69 -9.01 -7.80 -15.04
CA GLY C 69 -9.87 -6.63 -15.07
C GLY C 69 -9.80 -5.92 -16.41
N ASP C 70 -8.67 -6.06 -17.10
CA ASP C 70 -8.39 -5.39 -18.36
C ASP C 70 -8.50 -6.41 -19.50
N GLU C 71 -9.71 -6.58 -20.03
CA GLU C 71 -9.93 -7.56 -21.08
C GLU C 71 -9.33 -7.13 -22.41
N HIS C 72 -9.01 -5.85 -22.58
CA HIS C 72 -8.47 -5.37 -23.84
C HIS C 72 -7.01 -5.80 -24.03
N THR C 73 -6.35 -6.29 -22.99
CA THR C 73 -5.02 -6.85 -23.10
C THR C 73 -5.15 -8.36 -23.11
N VAL C 74 -4.88 -8.98 -24.25
CA VAL C 74 -5.14 -10.39 -24.48
C VAL C 74 -3.83 -11.09 -24.80
N MET C 75 -3.69 -12.31 -24.31
CA MET C 75 -2.50 -13.13 -24.48
C MET C 75 -2.90 -14.46 -25.06
N GLU C 76 -2.08 -14.99 -25.96
CA GLU C 76 -2.36 -16.22 -26.68
C GLU C 76 -1.28 -17.25 -26.38
N VAL C 77 -1.71 -18.44 -25.95
CA VAL C 77 -0.76 -19.51 -25.70
C VAL C 77 0.05 -19.78 -26.97
N ILE C 78 1.36 -19.82 -26.82
CA ILE C 78 2.26 -20.12 -27.93
C ILE C 78 2.31 -21.63 -28.15
N ASP D 15 37.34 -0.25 4.92
CA ASP D 15 36.91 -1.29 3.99
C ASP D 15 35.48 -1.74 4.28
N GLN D 16 34.87 -1.16 5.31
CA GLN D 16 33.54 -1.57 5.72
C GLN D 16 32.80 -0.38 6.32
N ILE D 17 31.48 -0.36 6.09
CA ILE D 17 30.59 0.66 6.61
C ILE D 17 29.39 -0.03 7.25
N ASP D 18 28.77 0.68 8.19
CA ASP D 18 27.55 0.22 8.82
C ASP D 18 26.37 0.98 8.22
N ALA D 19 25.30 0.25 7.89
CA ALA D 19 24.12 0.83 7.30
C ALA D 19 22.88 0.33 8.04
N LYS D 20 21.81 1.10 7.94
CA LYS D 20 20.53 0.77 8.55
C LYS D 20 19.48 0.64 7.46
N VAL D 21 18.67 -0.42 7.54
CA VAL D 21 17.60 -0.63 6.56
C VAL D 21 16.51 0.40 6.79
N ILE D 22 16.25 1.23 5.78
CA ILE D 22 15.22 2.25 5.87
C ILE D 22 14.01 1.95 4.97
N ARG D 23 14.20 1.22 3.88
CA ARG D 23 13.11 0.80 3.02
C ARG D 23 13.25 -0.68 2.70
N ARG D 24 12.11 -1.33 2.50
CA ARG D 24 12.07 -2.78 2.35
C ARG D 24 11.13 -3.13 1.22
N ASN D 25 11.60 -3.96 0.30
CA ASN D 25 10.75 -4.43 -0.79
C ASN D 25 9.64 -5.31 -0.23
N PRO D 26 8.38 -5.01 -0.48
CA PRO D 26 7.31 -5.86 0.06
C PRO D 26 7.40 -7.31 -0.38
N GLU D 27 8.03 -7.59 -1.53
CA GLU D 27 8.17 -8.96 -2.01
C GLU D 27 9.20 -9.75 -1.24
N LEU D 28 10.02 -9.11 -0.40
CA LEU D 28 11.05 -9.82 0.34
C LEU D 28 10.42 -10.80 1.32
N THR D 29 11.05 -11.96 1.48
CA THR D 29 10.57 -12.94 2.43
C THR D 29 10.37 -12.29 3.79
N PRO D 30 9.26 -12.56 4.49
CA PRO D 30 9.06 -11.95 5.81
C PRO D 30 10.21 -12.30 6.76
N GLY D 31 10.84 -11.27 7.31
CA GLY D 31 11.87 -11.43 8.32
C GLY D 31 13.26 -11.03 7.89
N ILE D 32 13.50 -10.87 6.59
CA ILE D 32 14.81 -10.47 6.07
C ILE D 32 14.80 -8.98 5.73
N PHE D 33 15.88 -8.28 6.11
CA PHE D 33 16.01 -6.84 5.88
C PHE D 33 14.89 -6.07 6.59
N LYS D 34 14.62 -6.47 7.83
CA LYS D 34 13.74 -5.73 8.71
C LYS D 34 14.13 -4.26 8.76
N LYS D 35 13.14 -3.38 8.61
CA LYS D 35 13.39 -1.96 8.71
C LYS D 35 13.97 -1.62 10.08
N GLY D 36 15.13 -0.96 10.09
CA GLY D 36 15.75 -0.50 11.30
C GLY D 36 16.94 -1.31 11.78
N ILE D 37 17.19 -2.47 11.19
CA ILE D 37 18.31 -3.29 11.59
C ILE D 37 19.59 -2.77 10.94
N GLU D 38 20.73 -3.08 11.58
CA GLU D 38 22.03 -2.59 11.15
C GLU D 38 22.74 -3.65 10.34
N ILE D 39 23.20 -3.27 9.14
CA ILE D 39 23.91 -4.17 8.24
C ILE D 39 25.30 -3.59 7.99
N THR D 40 26.26 -4.48 7.81
CA THR D 40 27.62 -4.12 7.43
C THR D 40 27.77 -4.35 5.93
N ILE D 41 28.29 -3.36 5.22
CA ILE D 41 28.50 -3.41 3.78
C ILE D 41 30.00 -3.50 3.53
N ASP D 42 30.44 -4.56 2.87
CA ASP D 42 31.83 -4.72 2.49
C ASP D 42 32.06 -3.94 1.20
N LEU D 43 32.86 -2.87 1.29
CA LEU D 43 32.96 -1.93 0.18
C LEU D 43 33.80 -2.47 -0.97
N GLU D 44 34.85 -3.26 -0.68
CA GLU D 44 35.73 -3.73 -1.75
C GLU D 44 35.02 -4.73 -2.65
N GLU D 45 34.33 -5.69 -2.06
CA GLU D 45 33.56 -6.66 -2.83
C GLU D 45 32.15 -6.19 -3.14
N MET D 46 31.68 -5.13 -2.48
CA MET D 46 30.35 -4.54 -2.75
C MET D 46 29.24 -5.53 -2.43
N VAL D 47 29.27 -6.06 -1.20
CA VAL D 47 28.25 -6.98 -0.71
C VAL D 47 27.93 -6.61 0.74
N CYS D 48 26.84 -7.17 1.23
CA CYS D 48 26.45 -7.04 2.63
C CYS D 48 26.14 -8.42 3.18
N TYR D 49 26.27 -8.56 4.50
CA TYR D 49 26.16 -9.83 5.19
C TYR D 49 24.89 -9.83 6.02
N HIS D 50 24.01 -10.80 5.75
CA HIS D 50 22.70 -10.81 6.39
C HIS D 50 22.09 -12.20 6.29
N SER D 51 21.39 -12.60 7.36
CA SER D 51 20.72 -13.90 7.40
C SER D 51 21.69 -15.03 7.05
N GLY D 52 22.97 -14.84 7.34
CA GLY D 52 23.99 -15.79 6.97
C GLY D 52 24.33 -15.81 5.50
N LEU D 53 23.74 -14.92 4.70
CA LEU D 53 23.96 -14.89 3.26
C LEU D 53 24.70 -13.61 2.87
N THR D 54 25.24 -13.64 1.66
CA THR D 54 25.91 -12.48 1.06
C THR D 54 25.01 -11.95 -0.06
N TRP D 55 24.69 -10.66 0.02
CA TRP D 55 23.82 -10.01 -0.96
C TRP D 55 24.62 -8.94 -1.69
N LYS D 56 24.48 -8.91 -3.02
CA LYS D 56 25.12 -7.86 -3.81
C LYS D 56 24.38 -6.55 -3.60
N VAL D 57 25.15 -5.47 -3.43
CA VAL D 57 24.59 -4.15 -3.19
C VAL D 57 25.12 -3.19 -4.24
N LYS D 58 24.33 -2.16 -4.52
CA LYS D 58 24.77 -1.04 -5.35
C LYS D 58 24.55 0.25 -4.58
N GLN D 59 25.41 1.23 -4.85
CA GLN D 59 25.39 2.49 -4.12
C GLN D 59 24.55 3.51 -4.89
N LEU D 60 23.53 4.05 -4.24
CA LEU D 60 22.72 5.12 -4.81
C LEU D 60 23.35 6.49 -4.57
N THR D 61 23.75 6.75 -3.32
CA THR D 61 24.42 7.99 -2.96
C THR D 61 25.51 7.67 -1.94
N ASN D 62 26.21 8.70 -1.47
CA ASN D 62 27.25 8.48 -0.48
C ASN D 62 26.69 7.79 0.76
N THR D 63 25.40 7.98 1.03
CA THR D 63 24.77 7.44 2.23
C THR D 63 23.70 6.41 1.95
N LEU D 64 23.17 6.34 0.74
CA LEU D 64 22.08 5.44 0.39
C LEU D 64 22.61 4.29 -0.46
N TRP D 65 22.32 3.07 -0.04
CA TRP D 65 22.69 1.87 -0.77
C TRP D 65 21.43 1.02 -0.96
N SER D 66 21.42 0.24 -2.04
CA SER D 66 20.35 -0.70 -2.29
C SER D 66 20.95 -2.07 -2.61
N LEU D 67 20.15 -3.10 -2.42
CA LEU D 67 20.53 -4.41 -2.92
C LEU D 67 20.62 -4.37 -4.44
N ALA D 68 21.71 -4.88 -4.99
CA ALA D 68 21.80 -5.03 -6.43
C ALA D 68 20.77 -6.05 -6.89
N GLY D 69 19.92 -5.64 -7.83
CA GLY D 69 18.82 -6.44 -8.29
C GLY D 69 17.50 -6.11 -7.62
N ASP D 70 17.54 -5.56 -6.41
CA ASP D 70 16.35 -5.13 -5.68
C ASP D 70 16.61 -3.70 -5.20
N GLU D 71 16.28 -2.72 -6.04
CA GLU D 71 16.52 -1.32 -5.70
C GLU D 71 15.55 -0.80 -4.65
N HIS D 72 14.46 -1.52 -4.39
CA HIS D 72 13.46 -1.03 -3.44
C HIS D 72 13.83 -1.34 -2.00
N THR D 73 14.86 -2.14 -1.76
CA THR D 73 15.38 -2.40 -0.42
C THR D 73 16.61 -1.51 -0.24
N VAL D 74 16.47 -0.47 0.58
CA VAL D 74 17.47 0.57 0.71
C VAL D 74 17.92 0.67 2.16
N MET D 75 19.24 0.84 2.35
CA MET D 75 19.83 1.04 3.66
C MET D 75 20.65 2.32 3.64
N GLU D 76 20.70 2.98 4.79
CA GLU D 76 21.32 4.30 4.92
C GLU D 76 22.54 4.21 5.81
N VAL D 77 23.67 4.70 5.30
CA VAL D 77 24.90 4.71 6.09
C VAL D 77 24.65 5.45 7.40
N ILE D 78 25.07 4.86 8.50
CA ILE D 78 24.85 5.45 9.82
C ILE D 78 26.13 6.14 10.31
N ASP E 15 2.74 12.60 -16.74
CA ASP E 15 4.14 12.97 -16.93
C ASP E 15 4.70 13.67 -15.69
N GLN E 16 3.81 13.99 -14.76
CA GLN E 16 4.18 14.64 -13.51
C GLN E 16 3.74 13.77 -12.33
N ILE E 17 4.54 13.76 -11.27
CA ILE E 17 4.27 12.95 -10.10
C ILE E 17 4.52 13.79 -8.85
N ASP E 18 3.87 13.39 -7.76
CA ASP E 18 4.01 14.05 -6.46
C ASP E 18 4.94 13.22 -5.58
N ALA E 19 5.93 13.87 -4.99
CA ALA E 19 6.91 13.22 -4.12
C ALA E 19 7.07 14.02 -2.84
N LYS E 20 7.53 13.35 -1.80
CA LYS E 20 7.70 13.93 -0.47
C LYS E 20 9.18 13.98 -0.13
N VAL E 21 9.63 15.12 0.40
CA VAL E 21 11.02 15.27 0.81
C VAL E 21 11.25 14.44 2.07
N ILE E 22 12.22 13.54 2.01
CA ILE E 22 12.58 12.71 3.16
C ILE E 22 13.97 12.99 3.69
N ARG E 23 14.87 13.54 2.89
CA ARG E 23 16.19 13.96 3.34
C ARG E 23 16.49 15.31 2.70
N ARG E 24 17.24 16.15 3.42
CA ARG E 24 17.61 17.45 2.91
C ARG E 24 19.01 17.81 3.38
N ASN E 25 19.78 18.42 2.50
CA ASN E 25 21.13 18.87 2.84
C ASN E 25 21.04 20.03 3.83
N PRO E 26 21.66 19.95 5.00
CA PRO E 26 21.60 21.08 5.94
C PRO E 26 22.09 22.39 5.35
N GLU E 27 22.99 22.34 4.37
CA GLU E 27 23.54 23.55 3.78
C GLU E 27 22.50 24.37 3.00
N LEU E 28 21.29 23.84 2.84
CA LEU E 28 20.26 24.56 2.11
C LEU E 28 19.70 25.72 2.95
N THR E 29 19.25 26.76 2.26
CA THR E 29 18.61 27.87 2.95
C THR E 29 17.43 27.35 3.78
N PRO E 30 17.26 27.81 5.01
CA PRO E 30 16.14 27.32 5.82
C PRO E 30 14.81 27.53 5.12
N GLY E 31 14.00 26.48 5.08
CA GLY E 31 12.69 26.52 4.46
C GLY E 31 12.63 25.91 3.07
N ILE E 32 13.78 25.58 2.47
CA ILE E 32 13.83 24.98 1.15
C ILE E 32 13.94 23.48 1.29
N PHE E 33 13.02 22.76 0.64
CA PHE E 33 12.98 21.30 0.70
C PHE E 33 12.94 20.81 2.14
N LYS E 34 12.02 21.39 2.91
CA LYS E 34 11.80 20.98 4.28
C LYS E 34 11.30 19.54 4.31
N LYS E 35 11.77 18.78 5.31
CA LYS E 35 11.36 17.38 5.41
C LYS E 35 9.85 17.27 5.54
N GLY E 36 9.25 16.44 4.68
CA GLY E 36 7.86 16.07 4.81
C GLY E 36 6.90 16.79 3.89
N ILE E 37 7.35 17.79 3.15
CA ILE E 37 6.47 18.54 2.26
C ILE E 37 6.47 17.88 0.89
N GLU E 38 5.35 18.02 0.18
CA GLU E 38 5.15 17.34 -1.09
C GLU E 38 5.58 18.24 -2.24
N ILE E 39 6.36 17.66 -3.16
CA ILE E 39 6.90 18.37 -4.30
C ILE E 39 6.46 17.65 -5.57
N THR E 40 6.28 18.42 -6.64
CA THR E 40 5.88 17.87 -7.93
C THR E 40 7.12 17.67 -8.80
N ILE E 41 7.25 16.47 -9.36
CA ILE E 41 8.38 16.12 -10.22
C ILE E 41 7.85 15.91 -11.63
N ASP E 42 8.43 16.61 -12.59
CA ASP E 42 8.14 16.41 -14.01
C ASP E 42 9.08 15.34 -14.53
N LEU E 43 8.55 14.15 -14.82
CA LEU E 43 9.40 13.03 -15.20
C LEU E 43 9.96 13.19 -16.61
N GLU E 44 9.23 13.84 -17.51
CA GLU E 44 9.75 14.08 -18.85
C GLU E 44 10.88 15.10 -18.81
N GLU E 45 10.65 16.24 -18.15
CA GLU E 45 11.67 17.27 -18.05
C GLU E 45 12.73 16.96 -17.01
N MET E 46 12.46 16.02 -16.09
CA MET E 46 13.40 15.66 -15.03
C MET E 46 13.73 16.87 -14.16
N VAL E 47 12.69 17.57 -13.72
CA VAL E 47 12.82 18.73 -12.84
C VAL E 47 11.70 18.69 -11.82
N CYS E 48 11.88 19.46 -10.74
CA CYS E 48 10.85 19.65 -9.74
C CYS E 48 10.73 21.15 -9.43
N TYR E 49 9.53 21.55 -9.02
CA TYR E 49 9.19 22.95 -8.84
C TYR E 49 9.01 23.21 -7.35
N HIS E 50 9.81 24.14 -6.82
CA HIS E 50 9.74 24.48 -5.40
C HIS E 50 10.35 25.85 -5.19
N SER E 51 9.77 26.59 -4.24
CA SER E 51 10.26 27.93 -3.89
C SER E 51 10.45 28.80 -5.12
N GLY E 52 9.49 28.70 -6.05
CA GLY E 52 9.50 29.53 -7.23
C GLY E 52 10.59 29.23 -8.23
N LEU E 53 11.36 28.17 -8.04
CA LEU E 53 12.42 27.81 -8.96
C LEU E 53 12.16 26.44 -9.57
N THR E 54 12.90 26.15 -10.63
CA THR E 54 12.93 24.84 -11.28
C THR E 54 14.24 24.17 -10.93
N TRP E 55 14.16 23.05 -10.20
CA TRP E 55 15.33 22.31 -9.77
C TRP E 55 15.48 21.04 -10.61
N LYS E 56 16.71 20.75 -11.02
CA LYS E 56 16.99 19.53 -11.76
C LYS E 56 17.10 18.37 -10.79
N VAL E 57 16.43 17.26 -11.12
CA VAL E 57 16.43 16.07 -10.28
C VAL E 57 16.96 14.90 -11.10
N LYS E 58 17.53 13.93 -10.41
CA LYS E 58 17.92 12.66 -10.99
C LYS E 58 17.22 11.53 -10.25
N GLN E 59 16.98 10.43 -10.96
CA GLN E 59 16.29 9.28 -10.39
C GLN E 59 17.31 8.31 -9.81
N LEU E 60 17.14 7.95 -8.55
CA LEU E 60 17.98 6.94 -7.92
C LEU E 60 17.38 5.54 -8.09
N THR E 61 16.10 5.40 -7.76
CA THR E 61 15.38 4.15 -7.90
C THR E 61 14.03 4.47 -8.54
N ASN E 62 13.13 3.48 -8.60
CA ASN E 62 11.81 3.72 -9.15
C ASN E 62 10.98 4.65 -8.28
N THR E 63 11.34 4.81 -6.99
CA THR E 63 10.60 5.66 -6.07
C THR E 63 11.45 6.74 -5.42
N LEU E 64 12.77 6.66 -5.50
CA LEU E 64 13.65 7.61 -4.85
C LEU E 64 14.25 8.55 -5.88
N TRP E 65 14.17 9.85 -5.60
CA TRP E 65 14.74 10.88 -6.44
C TRP E 65 15.55 11.83 -5.57
N SER E 66 16.61 12.39 -6.15
CA SER E 66 17.45 13.36 -5.48
C SER E 66 17.68 14.55 -6.40
N LEU E 67 18.04 15.68 -5.82
CA LEU E 67 18.49 16.81 -6.63
C LEU E 67 19.72 16.39 -7.43
N ALA E 68 19.74 16.76 -8.72
CA ALA E 68 20.79 16.28 -9.60
C ALA E 68 22.17 16.63 -9.07
N GLY E 69 22.33 17.81 -8.49
CA GLY E 69 23.60 18.22 -7.95
C GLY E 69 23.79 17.83 -6.50
N ASP E 70 22.74 17.96 -5.71
CA ASP E 70 22.79 17.70 -4.26
C ASP E 70 22.06 16.40 -3.97
N GLU E 71 22.81 15.30 -3.91
CA GLU E 71 22.18 14.01 -3.67
C GLU E 71 21.77 13.81 -2.22
N HIS E 72 22.28 14.63 -1.29
CA HIS E 72 21.85 14.53 0.10
C HIS E 72 20.40 14.95 0.29
N THR E 73 19.79 15.57 -0.72
CA THR E 73 18.38 15.97 -0.66
C THR E 73 17.57 14.98 -1.49
N VAL E 74 16.83 14.11 -0.81
CA VAL E 74 16.17 12.97 -1.43
C VAL E 74 14.66 13.12 -1.28
N MET E 75 13.94 12.74 -2.33
CA MET E 75 12.48 12.77 -2.36
C MET E 75 11.95 11.37 -2.67
N GLU E 76 10.77 11.07 -2.12
CA GLU E 76 10.16 9.76 -2.26
C GLU E 76 8.81 9.91 -2.93
N VAL E 77 8.56 9.11 -3.97
CA VAL E 77 7.26 9.11 -4.63
C VAL E 77 6.22 8.58 -3.66
N ILE E 78 5.04 9.19 -3.67
CA ILE E 78 3.98 8.85 -2.74
C ILE E 78 3.00 7.88 -3.37
N ASP F 15 -34.35 21.04 15.80
CA ASP F 15 -35.09 19.79 15.75
C ASP F 15 -34.40 18.77 14.84
N GLN F 16 -33.41 19.22 14.09
CA GLN F 16 -32.54 18.34 13.31
C GLN F 16 -31.16 18.97 13.24
N ILE F 17 -30.13 18.14 13.31
CA ILE F 17 -28.75 18.62 13.35
C ILE F 17 -27.90 17.82 12.36
N ASP F 18 -26.94 18.50 11.76
CA ASP F 18 -26.01 17.88 10.82
C ASP F 18 -24.83 17.29 11.58
N ALA F 19 -24.49 16.03 11.27
CA ALA F 19 -23.36 15.35 11.88
C ALA F 19 -22.50 14.74 10.79
N LYS F 20 -21.20 14.61 11.07
CA LYS F 20 -20.24 14.06 10.11
C LYS F 20 -19.62 12.80 10.70
N VAL F 21 -19.56 11.74 9.91
CA VAL F 21 -18.96 10.48 10.35
C VAL F 21 -17.46 10.70 10.52
N ILE F 22 -16.95 10.39 11.72
CA ILE F 22 -15.53 10.55 11.98
C ILE F 22 -14.87 9.20 12.27
N ARG F 23 -15.64 8.24 12.79
CA ARG F 23 -15.14 6.88 13.02
C ARG F 23 -16.23 5.90 12.61
N ARG F 24 -15.81 4.74 12.11
CA ARG F 24 -16.76 3.74 11.67
C ARG F 24 -16.30 2.36 12.10
N ASN F 25 -17.24 1.54 12.55
CA ASN F 25 -16.94 0.17 12.96
C ASN F 25 -16.47 -0.63 11.75
N PRO F 26 -15.30 -1.29 11.82
CA PRO F 26 -14.87 -2.10 10.66
C PRO F 26 -15.84 -3.20 10.30
N GLU F 27 -16.72 -3.61 11.21
CA GLU F 27 -17.69 -4.63 10.90
C GLU F 27 -18.80 -4.11 10.00
N LEU F 28 -18.98 -2.80 9.89
CA LEU F 28 -20.04 -2.25 9.06
C LEU F 28 -19.86 -2.72 7.62
N THR F 29 -20.97 -2.94 6.94
CA THR F 29 -20.95 -3.26 5.52
C THR F 29 -20.15 -2.19 4.79
N PRO F 30 -19.16 -2.57 3.98
CA PRO F 30 -18.43 -1.55 3.22
C PRO F 30 -19.36 -0.67 2.39
N GLY F 31 -19.25 0.63 2.59
CA GLY F 31 -19.98 1.61 1.82
C GLY F 31 -20.97 2.44 2.63
N ILE F 32 -21.37 1.99 3.81
CA ILE F 32 -22.31 2.72 4.65
C ILE F 32 -21.56 3.42 5.76
N PHE F 33 -21.99 4.65 6.06
CA PHE F 33 -21.33 5.50 7.06
C PHE F 33 -19.86 5.70 6.72
N LYS F 34 -19.60 6.02 5.45
CA LYS F 34 -18.29 6.45 5.00
C LYS F 34 -17.76 7.56 5.89
N LYS F 35 -16.50 7.43 6.31
CA LYS F 35 -15.86 8.49 7.07
C LYS F 35 -15.91 9.79 6.26
N GLY F 36 -16.54 10.82 6.82
CA GLY F 36 -16.54 12.15 6.23
C GLY F 36 -17.86 12.59 5.62
N ILE F 37 -18.86 11.72 5.56
CA ILE F 37 -20.14 12.11 4.97
C ILE F 37 -20.99 12.81 6.02
N GLU F 38 -21.91 13.66 5.55
CA GLU F 38 -22.78 14.42 6.42
C GLU F 38 -24.07 13.64 6.67
N ILE F 39 -24.44 13.54 7.94
CA ILE F 39 -25.61 12.78 8.39
C ILE F 39 -26.57 13.74 9.08
N THR F 40 -27.86 13.53 8.87
CA THR F 40 -28.90 14.31 9.53
C THR F 40 -29.43 13.50 10.70
N ILE F 41 -29.51 14.13 11.87
CA ILE F 41 -29.99 13.50 13.09
C ILE F 41 -31.30 14.17 13.49
N ASP F 42 -32.37 13.38 13.60
CA ASP F 42 -33.63 13.87 14.15
C ASP F 42 -33.55 13.81 15.67
N LEU F 43 -33.69 14.96 16.32
CA LEU F 43 -33.33 15.06 17.73
C LEU F 43 -34.37 14.41 18.64
N GLU F 44 -35.66 14.53 18.32
CA GLU F 44 -36.68 14.00 19.21
C GLU F 44 -36.80 12.48 19.10
N GLU F 45 -36.92 11.96 17.88
CA GLU F 45 -37.03 10.53 17.67
C GLU F 45 -35.69 9.82 17.75
N MET F 46 -34.58 10.55 17.79
CA MET F 46 -33.25 9.99 18.04
C MET F 46 -32.86 8.98 16.96
N VAL F 47 -32.89 9.44 15.71
CA VAL F 47 -32.51 8.64 14.56
C VAL F 47 -31.71 9.50 13.59
N CYS F 48 -31.06 8.83 12.64
CA CYS F 48 -30.40 9.51 11.53
C CYS F 48 -30.79 8.82 10.24
N TYR F 49 -30.81 9.59 9.16
CA TYR F 49 -31.23 9.10 7.85
C TYR F 49 -30.00 8.80 7.00
N HIS F 50 -29.92 7.58 6.49
CA HIS F 50 -28.75 7.17 5.73
C HIS F 50 -29.08 5.91 4.92
N SER F 51 -28.60 5.88 3.68
CA SER F 51 -28.80 4.74 2.79
C SER F 51 -30.28 4.35 2.72
N GLY F 52 -31.15 5.35 2.79
CA GLY F 52 -32.58 5.12 2.80
C GLY F 52 -33.12 4.47 4.06
N LEU F 53 -32.25 4.16 5.02
CA LEU F 53 -32.66 3.56 6.29
C LEU F 53 -32.66 4.61 7.40
N THR F 54 -33.42 4.32 8.45
CA THR F 54 -33.47 5.15 9.65
C THR F 54 -32.74 4.39 10.75
N TRP F 55 -31.61 4.94 11.21
CA TRP F 55 -30.75 4.31 12.19
C TRP F 55 -30.91 4.97 13.54
N LYS F 56 -31.06 4.17 14.59
CA LYS F 56 -31.12 4.71 15.94
C LYS F 56 -29.73 5.17 16.39
N VAL F 57 -29.69 6.34 17.02
CA VAL F 57 -28.42 6.92 17.49
C VAL F 57 -28.55 7.25 18.97
N LYS F 58 -27.41 7.22 19.66
CA LYS F 58 -27.29 7.69 21.03
C LYS F 58 -26.29 8.84 21.08
N GLN F 59 -26.46 9.73 22.04
CA GLN F 59 -25.60 10.89 22.19
C GLN F 59 -24.51 10.59 23.22
N LEU F 60 -23.25 10.79 22.82
CA LEU F 60 -22.13 10.64 23.73
C LEU F 60 -21.80 11.96 24.42
N THR F 61 -21.70 13.04 23.65
CA THR F 61 -21.47 14.38 24.17
C THR F 61 -22.37 15.34 23.40
N ASN F 62 -22.25 16.64 23.72
CA ASN F 62 -23.02 17.65 23.00
C ASN F 62 -22.70 17.66 21.52
N THR F 63 -21.52 17.16 21.13
CA THR F 63 -21.09 17.17 19.74
C THR F 63 -20.87 15.79 19.16
N LEU F 64 -20.75 14.75 19.98
CA LEU F 64 -20.43 13.41 19.53
C LEU F 64 -21.65 12.51 19.67
N TRP F 65 -21.99 11.82 18.58
CA TRP F 65 -23.09 10.86 18.55
C TRP F 65 -22.55 9.52 18.05
N SER F 66 -23.23 8.44 18.43
CA SER F 66 -22.88 7.12 17.94
C SER F 66 -24.18 6.40 17.56
N LEU F 67 -24.03 5.37 16.74
CA LEU F 67 -25.16 4.49 16.45
C LEU F 67 -25.50 3.69 17.71
N ALA F 68 -26.78 3.69 18.07
CA ALA F 68 -27.24 2.81 19.13
C ALA F 68 -26.98 1.36 18.73
N GLY F 69 -26.31 0.62 19.61
CA GLY F 69 -25.90 -0.74 19.32
C GLY F 69 -24.51 -0.85 18.74
N ASP F 70 -24.07 0.13 17.95
CA ASP F 70 -22.72 0.19 17.42
C ASP F 70 -22.09 1.50 17.90
N GLU F 71 -21.45 1.44 19.08
CA GLU F 71 -20.84 2.64 19.64
C GLU F 71 -19.58 3.05 18.91
N HIS F 72 -18.98 2.16 18.11
CA HIS F 72 -17.73 2.45 17.45
C HIS F 72 -17.90 3.26 16.17
N THR F 73 -19.14 3.49 15.75
CA THR F 73 -19.44 4.35 14.60
C THR F 73 -19.92 5.68 15.16
N VAL F 74 -19.09 6.71 15.05
CA VAL F 74 -19.29 7.96 15.76
C VAL F 74 -19.46 9.09 14.77
N MET F 75 -20.37 10.01 15.10
CA MET F 75 -20.63 11.21 14.31
C MET F 75 -20.38 12.45 15.17
N GLU F 76 -19.88 13.50 14.54
CA GLU F 76 -19.50 14.73 15.22
C GLU F 76 -20.35 15.86 14.69
N VAL F 77 -21.12 16.50 15.59
CA VAL F 77 -21.94 17.63 15.17
C VAL F 77 -21.04 18.71 14.58
N ILE F 78 -21.50 19.31 13.49
CA ILE F 78 -20.72 20.30 12.76
C ILE F 78 -21.42 21.66 12.78
#